data_8GEN
#
_entry.id   8GEN
#
_cell.length_a   180.304
_cell.length_b   180.304
_cell.length_c   133.566
_cell.angle_alpha   90.000
_cell.angle_beta   90.000
_cell.angle_gamma   120.000
#
_symmetry.space_group_name_H-M   'P 64 2 2'
#
loop_
_entity.id
_entity.type
_entity.pdbx_description
1 polymer Beta-glucuronidase
2 non-polymer "8-(4-beta-D-glucopyranuronosylpiperazin-1-yl)-5-(morpholin-4-yl)-1,2,3,4-tetrahydro[1,2,3]triazino[4',5':4,5]thieno[2,3 -c]isoquinoline"
#
_entity_poly.entity_id   1
_entity_poly.type   'polypeptide(L)'
_entity_poly.pdbx_seq_one_letter_code
;SNAMLYPVLTQSRLLSDLSGVWNFKLDNGKGFEEKWYEKPLKDADTMPVPASYNDLKEGTDFRDHYGWVFYQRNISVPEY
VKSQRIVLRCAAVTHYAMIYLNGKLICEHKGGFLPFEVELNDDLQDGDNLLTIAVNNVIDYTTLPVGGKANMMSGMMGGM
GAGASDKPQNNPNFDFFNYCGITRPVKIYTTPETYINDITVTADIDFTKEEPSAVLNYNVEIKGKDYNNITCKVELFDEE
GTKLSETEGSEGTFEISNVRLWQPLNAYLYKIKVTAGQDVYTLPYGVRSVRVDGTKFLINEKPFYFKGYGKHEDTFPNGR
GINLPMNTKDISIMKWQHANSFRTSHYPYSEEMMRLCDEEGIVVIDETTAVGVNLQFGGGANFGGERIGTFDKEHGVQTQ
EHHKDVIRDLISRDKNHACVVMWSIANEPDSAAEGAYDYFKPLYDLARELDPQKRPCTLVSVQGTTADTDCSSQLSDVIC
LNRYYGWYFGGPDLEVSETGLRKELSDWGKLGKPVMFTEYGADTVSGLHDTTSVMYTEEYQVEYYEMNNKVFDEFDFVVG
EQAWNFADFATSQSLLRVQGNKKGLFTRDRKPKMVAHYFRNRWSAIPEFGYKTK
;
_entity_poly.pdbx_strand_id   A
#
# COMPACT_ATOMS: atom_id res chain seq x y z
N ASN A 2 -2.97 5.67 -16.85
CA ASN A 2 -4.39 5.47 -17.15
C ASN A 2 -5.07 4.68 -16.04
N ALA A 3 -5.62 3.53 -16.43
CA ALA A 3 -6.20 2.56 -15.51
C ALA A 3 -5.58 1.21 -15.78
N MET A 4 -5.56 0.35 -14.77
CA MET A 4 -4.94 -0.96 -14.89
C MET A 4 -5.76 -1.99 -14.13
N LEU A 5 -6.17 -3.05 -14.83
CA LEU A 5 -6.89 -4.16 -14.23
C LEU A 5 -5.92 -5.23 -13.75
N TYR A 6 -6.34 -6.01 -12.77
CA TYR A 6 -5.49 -7.11 -12.34
C TYR A 6 -5.60 -8.27 -13.32
N PRO A 7 -4.55 -8.56 -14.08
CA PRO A 7 -4.63 -9.63 -15.08
C PRO A 7 -4.99 -10.97 -14.44
N VAL A 8 -5.92 -11.67 -15.07
CA VAL A 8 -6.43 -12.94 -14.59
C VAL A 8 -6.57 -13.88 -15.78
N LEU A 9 -7.01 -15.12 -15.54
CA LEU A 9 -7.24 -16.03 -16.69
C LEU A 9 -8.70 -15.93 -17.13
N THR A 10 -8.98 -15.24 -18.24
CA THR A 10 -10.35 -15.17 -18.80
C THR A 10 -10.35 -15.72 -20.22
N GLN A 11 -11.45 -16.38 -20.60
CA GLN A 11 -11.56 -16.92 -21.98
C GLN A 11 -10.95 -15.92 -22.96
N SER A 12 -11.21 -14.62 -22.75
CA SER A 12 -10.74 -13.59 -23.70
C SER A 12 -9.24 -13.40 -23.66
N ARG A 13 -8.68 -13.12 -22.49
CA ARG A 13 -7.26 -12.79 -22.44
C ARG A 13 -6.45 -14.07 -22.19
N LEU A 14 -5.25 -13.87 -21.63
CA LEU A 14 -4.37 -15.02 -21.26
C LEU A 14 -3.48 -14.53 -20.11
N LEU A 15 -2.53 -15.35 -19.64
CA LEU A 15 -1.57 -14.90 -18.61
C LEU A 15 -0.48 -15.95 -18.39
N SER A 16 0.78 -15.55 -18.48
CA SER A 16 1.88 -16.49 -18.18
C SER A 16 2.86 -15.81 -17.22
N ASP A 17 3.07 -16.40 -16.04
CA ASP A 17 3.95 -15.76 -15.03
C ASP A 17 5.40 -15.91 -15.50
N LEU A 18 6.03 -14.78 -15.79
CA LEU A 18 7.43 -14.81 -16.20
C LEU A 18 8.37 -15.01 -15.01
N SER A 19 7.84 -15.02 -13.79
CA SER A 19 8.71 -15.04 -12.63
C SER A 19 9.40 -16.39 -12.46
N GLY A 20 10.68 -16.33 -12.13
CA GLY A 20 11.51 -17.49 -11.90
C GLY A 20 12.84 -17.06 -11.35
N VAL A 21 13.93 -17.68 -11.82
CA VAL A 21 15.28 -17.29 -11.45
C VAL A 21 15.95 -16.76 -12.71
N TRP A 22 16.06 -15.44 -12.81
CA TRP A 22 16.59 -14.77 -13.98
C TRP A 22 18.11 -14.65 -13.90
N ASN A 23 18.72 -14.30 -15.03
CA ASN A 23 20.13 -13.93 -15.04
C ASN A 23 20.29 -12.51 -14.51
N PHE A 24 21.37 -12.28 -13.76
CA PHE A 24 21.48 -11.08 -12.94
C PHE A 24 22.93 -10.61 -12.90
N LYS A 25 23.11 -9.29 -12.90
CA LYS A 25 24.44 -8.70 -12.78
C LYS A 25 24.32 -7.31 -12.17
N LEU A 26 25.28 -6.96 -11.33
CA LEU A 26 25.33 -5.62 -10.75
C LEU A 26 26.03 -4.67 -11.71
N ASP A 27 25.51 -3.46 -11.82
CA ASP A 27 26.13 -2.45 -12.67
C ASP A 27 27.46 -2.01 -12.08
N ASN A 28 28.48 -1.92 -12.94
CA ASN A 28 29.79 -1.42 -12.55
C ASN A 28 30.00 0.03 -12.96
N GLY A 29 28.99 0.67 -13.56
CA GLY A 29 29.13 2.01 -14.10
C GLY A 29 29.21 1.98 -15.61
N LYS A 30 30.29 1.39 -16.13
CA LYS A 30 30.44 1.24 -17.57
C LYS A 30 29.35 0.39 -18.20
N GLY A 31 28.51 -0.26 -17.38
CA GLY A 31 27.59 -1.25 -17.92
C GLY A 31 26.66 -0.69 -18.98
N PHE A 32 26.24 0.56 -18.84
CA PHE A 32 25.25 1.11 -19.76
C PHE A 32 25.86 1.39 -21.13
N GLU A 33 27.04 2.03 -21.16
CA GLU A 33 27.68 2.33 -22.43
C GLU A 33 28.23 1.08 -23.09
N GLU A 34 28.64 0.09 -22.29
CA GLU A 34 28.95 -1.22 -22.87
C GLU A 34 27.70 -1.92 -23.38
N LYS A 35 26.52 -1.36 -23.16
CA LYS A 35 25.26 -1.87 -23.70
C LYS A 35 25.09 -3.35 -23.37
N TRP A 36 25.00 -3.63 -22.06
CA TRP A 36 24.74 -5.00 -21.61
C TRP A 36 23.32 -5.44 -21.93
N TYR A 37 22.41 -4.48 -22.14
CA TYR A 37 21.03 -4.82 -22.45
C TYR A 37 20.89 -5.52 -23.80
N GLU A 38 21.82 -5.27 -24.73
CA GLU A 38 21.76 -5.88 -26.05
C GLU A 38 22.11 -7.36 -25.97
N LYS A 39 23.36 -7.66 -25.65
CA LYS A 39 23.88 -9.01 -25.56
C LYS A 39 23.36 -9.69 -24.30
N PRO A 40 23.68 -10.96 -24.09
CA PRO A 40 23.43 -11.55 -22.76
C PRO A 40 24.35 -10.93 -21.74
N LEU A 41 24.36 -11.44 -20.52
CA LEU A 41 25.19 -10.87 -19.47
C LEU A 41 26.25 -11.88 -19.06
N LYS A 42 27.50 -11.44 -19.07
CA LYS A 42 28.64 -12.30 -18.82
C LYS A 42 28.93 -12.38 -17.32
N ASP A 43 29.54 -13.49 -16.92
CA ASP A 43 29.83 -13.77 -15.51
C ASP A 43 28.58 -13.52 -14.65
N ALA A 44 27.43 -13.97 -15.17
CA ALA A 44 26.15 -13.62 -14.58
C ALA A 44 25.93 -14.36 -13.26
N ASP A 45 24.95 -13.88 -12.50
CA ASP A 45 24.54 -14.48 -11.24
C ASP A 45 23.08 -14.90 -11.34
N THR A 46 22.64 -15.66 -10.34
CA THR A 46 21.28 -16.17 -10.27
C THR A 46 20.48 -15.36 -9.27
N MET A 47 19.24 -15.02 -9.65
CA MET A 47 18.40 -14.20 -8.79
C MET A 47 16.92 -14.48 -9.03
N PRO A 48 16.21 -15.01 -8.03
CA PRO A 48 14.78 -15.24 -8.20
C PRO A 48 14.02 -13.95 -8.40
N VAL A 49 12.96 -14.03 -9.20
CA VAL A 49 12.01 -12.94 -9.38
C VAL A 49 10.62 -13.50 -9.14
N PRO A 50 9.74 -12.81 -8.40
CA PRO A 50 9.97 -11.48 -7.82
C PRO A 50 10.43 -11.51 -6.36
N ALA A 51 11.38 -10.65 -6.04
CA ALA A 51 11.85 -10.44 -4.68
C ALA A 51 12.98 -9.42 -4.69
N SER A 52 13.01 -8.52 -3.70
CA SER A 52 14.10 -7.57 -3.67
C SER A 52 15.40 -8.27 -3.34
N TYR A 53 16.42 -7.98 -4.14
CA TYR A 53 17.62 -8.79 -4.24
C TYR A 53 18.61 -8.59 -3.10
N ASN A 54 18.42 -7.56 -2.26
CA ASN A 54 19.48 -7.15 -1.35
C ASN A 54 19.91 -8.27 -0.41
N ASP A 55 18.97 -9.07 0.08
CA ASP A 55 19.24 -10.03 1.14
C ASP A 55 19.35 -11.47 0.62
N LEU A 56 19.62 -11.65 -0.67
CA LEU A 56 19.70 -12.98 -1.26
C LEU A 56 21.11 -13.35 -1.70
N LYS A 57 22.10 -12.51 -1.40
CA LYS A 57 23.50 -12.87 -1.50
C LYS A 57 24.19 -12.38 -0.23
N GLU A 58 25.44 -12.78 -0.04
CA GLU A 58 26.17 -12.43 1.17
C GLU A 58 27.13 -11.27 0.92
N GLY A 59 27.57 -10.65 2.01
CA GLY A 59 28.50 -9.54 1.93
C GLY A 59 27.79 -8.23 1.64
N THR A 60 28.39 -7.14 2.15
CA THR A 60 27.79 -5.81 1.97
C THR A 60 27.76 -5.36 0.52
N ASP A 61 28.60 -5.95 -0.34
CA ASP A 61 28.60 -5.57 -1.75
C ASP A 61 27.19 -5.61 -2.33
N PHE A 62 26.45 -6.68 -2.05
CA PHE A 62 25.10 -6.82 -2.56
C PHE A 62 24.11 -5.98 -1.78
N ARG A 63 24.09 -6.14 -0.45
CA ARG A 63 23.05 -5.53 0.36
C ARG A 63 23.05 -4.02 0.25
N ASP A 64 24.23 -3.39 0.25
CA ASP A 64 24.34 -1.94 0.27
C ASP A 64 24.73 -1.37 -1.09
N HIS A 65 24.53 -2.12 -2.17
CA HIS A 65 24.94 -1.66 -3.49
C HIS A 65 24.28 -0.34 -3.83
N TYR A 66 25.02 0.54 -4.51
CA TYR A 66 24.52 1.85 -4.92
C TYR A 66 24.50 1.91 -6.44
N GLY A 67 23.32 2.17 -7.01
CA GLY A 67 23.25 2.25 -8.45
C GLY A 67 22.33 1.26 -9.13
N TRP A 68 22.80 0.68 -10.24
CA TRP A 68 21.95 -0.10 -11.13
C TRP A 68 22.21 -1.59 -11.00
N VAL A 69 21.16 -2.38 -11.25
CA VAL A 69 21.23 -3.82 -11.40
C VAL A 69 20.57 -4.17 -12.72
N PHE A 70 21.00 -5.28 -13.32
CA PHE A 70 20.49 -5.70 -14.62
C PHE A 70 19.89 -7.10 -14.49
N TYR A 71 18.58 -7.21 -14.66
CA TYR A 71 17.91 -8.49 -14.81
C TYR A 71 17.82 -8.84 -16.30
N GLN A 72 18.02 -10.12 -16.61
CA GLN A 72 17.91 -10.59 -17.99
C GLN A 72 17.15 -11.90 -17.99
N ARG A 73 16.27 -12.06 -18.97
CA ARG A 73 15.38 -13.21 -19.01
C ARG A 73 15.08 -13.58 -20.46
N ASN A 74 15.02 -14.88 -20.73
CA ASN A 74 14.71 -15.37 -22.07
C ASN A 74 13.21 -15.42 -22.24
N ILE A 75 12.68 -14.55 -23.09
CA ILE A 75 11.27 -14.55 -23.43
C ILE A 75 11.11 -15.12 -24.83
N SER A 76 9.97 -15.77 -25.06
CA SER A 76 9.78 -16.61 -26.24
C SER A 76 8.32 -16.99 -26.34
N VAL A 77 7.75 -16.97 -27.54
CA VAL A 77 6.32 -17.21 -27.70
C VAL A 77 6.03 -17.93 -29.02
N PRO A 78 4.97 -18.74 -29.09
CA PRO A 78 4.54 -19.30 -30.37
C PRO A 78 3.75 -18.26 -31.18
N GLU A 79 3.84 -18.40 -32.50
CA GLU A 79 3.33 -17.36 -33.37
C GLU A 79 1.81 -17.22 -33.30
N TYR A 80 1.08 -18.32 -33.06
CA TYR A 80 -0.37 -18.24 -33.04
C TYR A 80 -0.89 -17.26 -31.99
N VAL A 81 -0.03 -16.77 -31.09
CA VAL A 81 -0.46 -15.78 -30.12
C VAL A 81 -0.41 -14.37 -30.69
N LYS A 82 0.55 -14.09 -31.59
CA LYS A 82 0.59 -12.78 -32.23
C LYS A 82 -0.79 -12.35 -32.73
N SER A 83 -1.65 -13.32 -33.01
CA SER A 83 -3.10 -13.15 -33.13
C SER A 83 -3.62 -11.97 -32.33
N GLN A 84 -3.30 -12.02 -31.04
CA GLN A 84 -3.94 -11.19 -30.03
C GLN A 84 -3.01 -10.09 -29.53
N ARG A 85 -3.61 -9.04 -28.96
CA ARG A 85 -2.85 -8.14 -28.10
C ARG A 85 -1.92 -8.93 -27.19
N ILE A 86 -0.67 -8.48 -27.08
CA ILE A 86 0.29 -9.05 -26.14
C ILE A 86 0.94 -7.93 -25.36
N VAL A 87 0.99 -8.10 -24.04
CA VAL A 87 1.23 -7.05 -23.07
C VAL A 87 2.28 -7.52 -22.09
N LEU A 88 2.99 -6.59 -21.47
CA LEU A 88 3.97 -6.90 -20.45
C LEU A 88 3.65 -6.03 -19.24
N ARG A 89 3.08 -6.63 -18.20
CA ARG A 89 2.67 -5.88 -17.01
C ARG A 89 3.70 -6.09 -15.91
N CYS A 90 4.30 -4.99 -15.50
CA CYS A 90 5.31 -5.01 -14.41
C CYS A 90 4.59 -4.54 -13.15
N ALA A 91 4.27 -5.43 -12.23
CA ALA A 91 3.48 -5.04 -11.05
C ALA A 91 4.28 -4.10 -10.17
N ALA A 92 5.60 -4.23 -10.15
CA ALA A 92 6.36 -3.24 -9.37
C ALA A 92 7.86 -3.48 -9.39
N VAL A 93 8.60 -2.79 -10.27
CA VAL A 93 10.07 -2.88 -10.11
C VAL A 93 10.36 -1.57 -9.40
N THR A 94 10.92 -1.69 -8.20
CA THR A 94 11.02 -0.53 -7.32
C THR A 94 11.86 0.58 -7.93
N HIS A 95 11.44 1.82 -7.67
CA HIS A 95 12.20 3.00 -8.11
C HIS A 95 12.09 3.12 -9.62
N TYR A 96 13.21 3.20 -10.33
CA TYR A 96 13.18 3.42 -11.77
C TYR A 96 13.41 2.11 -12.51
N ALA A 97 12.68 1.93 -13.61
CA ALA A 97 12.77 0.72 -14.43
C ALA A 97 12.99 1.09 -15.89
N MET A 98 13.82 0.29 -16.56
CA MET A 98 14.11 0.45 -17.98
C MET A 98 14.10 -0.92 -18.64
N ILE A 99 13.27 -1.09 -19.66
CA ILE A 99 13.04 -2.39 -20.30
C ILE A 99 13.61 -2.36 -21.71
N TYR A 100 14.46 -3.34 -22.00
CA TYR A 100 14.96 -3.57 -23.36
C TYR A 100 14.49 -4.94 -23.82
N LEU A 101 14.09 -5.03 -25.09
CA LEU A 101 13.73 -6.30 -25.71
C LEU A 101 14.58 -6.47 -26.96
N ASN A 102 15.40 -7.53 -26.98
CA ASN A 102 16.34 -7.84 -28.05
C ASN A 102 17.40 -6.75 -28.17
N GLY A 103 17.26 -5.66 -27.41
CA GLY A 103 18.30 -4.66 -27.33
C GLY A 103 17.81 -3.22 -27.45
N LYS A 104 16.50 -3.02 -27.36
CA LYS A 104 15.90 -1.70 -27.57
C LYS A 104 15.01 -1.35 -26.40
N LEU A 105 15.28 -0.21 -25.76
CA LEU A 105 14.46 0.27 -24.65
C LEU A 105 13.05 0.55 -25.15
N ILE A 106 12.05 -0.07 -24.54
CA ILE A 106 10.66 0.02 -24.97
C ILE A 106 9.82 0.81 -23.97
N CYS A 107 9.98 0.54 -22.68
CA CYS A 107 9.19 1.15 -21.62
C CYS A 107 10.10 1.68 -20.52
N GLU A 108 9.55 2.58 -19.70
CA GLU A 108 10.24 3.10 -18.54
C GLU A 108 9.21 3.55 -17.52
N HIS A 109 9.57 3.47 -16.25
CA HIS A 109 8.67 3.85 -15.17
C HIS A 109 9.46 4.48 -14.03
N LYS A 110 8.84 5.44 -13.36
CA LYS A 110 9.36 6.04 -12.14
C LYS A 110 8.34 5.80 -11.04
N GLY A 111 8.73 5.01 -10.04
CA GLY A 111 7.80 4.57 -9.02
C GLY A 111 7.85 3.07 -8.83
N GLY A 112 8.26 2.63 -7.63
CA GLY A 112 8.47 1.21 -7.39
C GLY A 112 7.45 0.56 -6.50
N PHE A 113 6.18 0.98 -6.60
CA PHE A 113 5.14 0.38 -5.79
C PHE A 113 3.79 0.33 -6.49
N LEU A 114 3.72 0.64 -7.78
CA LEU A 114 2.50 0.55 -8.56
C LEU A 114 2.83 -0.01 -9.94
N PRO A 115 1.89 -0.70 -10.57
CA PRO A 115 2.20 -1.40 -11.83
C PRO A 115 2.36 -0.46 -13.02
N PHE A 116 2.75 -1.05 -14.16
CA PHE A 116 2.91 -0.36 -15.43
C PHE A 116 3.15 -1.41 -16.51
N GLU A 117 2.58 -1.19 -17.69
CA GLU A 117 2.62 -2.20 -18.74
C GLU A 117 3.08 -1.59 -20.06
N VAL A 118 3.30 -2.48 -21.02
CA VAL A 118 3.76 -2.12 -22.36
C VAL A 118 3.53 -3.32 -23.27
N GLU A 119 3.05 -3.06 -24.48
CA GLU A 119 2.77 -4.14 -25.40
C GLU A 119 3.97 -4.46 -26.28
N LEU A 120 4.06 -5.73 -26.68
CA LEU A 120 5.25 -6.27 -27.32
C LEU A 120 5.03 -6.74 -28.75
N ASN A 121 3.79 -6.77 -29.24
CA ASN A 121 3.49 -7.41 -30.52
C ASN A 121 4.33 -6.85 -31.66
N ASP A 122 4.57 -5.54 -31.67
CA ASP A 122 5.21 -4.91 -32.82
C ASP A 122 6.73 -4.97 -32.78
N ASP A 123 7.33 -5.18 -31.60
CA ASP A 123 8.77 -5.37 -31.51
C ASP A 123 9.14 -6.74 -30.96
N LEU A 124 8.14 -7.61 -30.79
CA LEU A 124 8.40 -8.98 -30.30
C LEU A 124 8.86 -9.85 -31.46
N GLN A 125 10.17 -9.98 -31.66
CA GLN A 125 10.67 -10.89 -32.71
C GLN A 125 10.24 -12.30 -32.33
N ASP A 126 10.22 -13.22 -33.29
CA ASP A 126 9.91 -14.64 -32.95
C ASP A 126 11.24 -15.38 -32.81
N GLY A 127 11.27 -16.41 -31.97
CA GLY A 127 12.49 -17.14 -31.73
C GLY A 127 12.91 -16.88 -30.30
N ASP A 128 14.21 -16.75 -30.07
CA ASP A 128 14.73 -16.40 -28.75
C ASP A 128 14.78 -14.88 -28.63
N ASN A 129 14.03 -14.35 -27.66
CA ASN A 129 14.00 -12.92 -27.40
C ASN A 129 14.63 -12.62 -26.05
N LEU A 130 15.37 -11.52 -25.99
CA LEU A 130 16.10 -11.12 -24.79
C LEU A 130 15.36 -9.97 -24.12
N LEU A 131 14.76 -10.24 -22.97
CA LEU A 131 14.22 -9.20 -22.12
C LEU A 131 15.24 -8.81 -21.07
N THR A 132 15.40 -7.50 -20.84
CA THR A 132 16.40 -6.98 -19.91
C THR A 132 15.77 -5.82 -19.14
N ILE A 133 15.32 -6.09 -17.92
CA ILE A 133 14.85 -5.04 -17.03
C ILE A 133 16.03 -4.55 -16.20
N ALA A 134 16.25 -3.24 -16.20
CA ALA A 134 17.33 -2.60 -15.46
C ALA A 134 16.73 -1.73 -14.37
N VAL A 135 17.06 -2.05 -13.12
CA VAL A 135 16.51 -1.34 -11.97
C VAL A 135 17.60 -0.47 -11.36
N ASN A 136 17.18 0.66 -10.81
CA ASN A 136 18.06 1.55 -10.07
C ASN A 136 17.47 1.82 -8.69
N ASN A 137 18.33 1.99 -7.70
CA ASN A 137 17.92 2.08 -6.31
C ASN A 137 18.16 3.45 -5.70
N VAL A 138 18.51 4.45 -6.49
CA VAL A 138 18.89 5.75 -5.94
C VAL A 138 17.65 6.53 -5.54
N ILE A 139 17.74 7.20 -4.40
CA ILE A 139 16.65 8.01 -3.87
C ILE A 139 17.19 9.42 -3.60
N ASP A 140 16.37 10.42 -3.89
CA ASP A 140 16.78 11.81 -3.76
C ASP A 140 15.55 12.64 -3.43
N TYR A 141 15.61 13.94 -3.74
CA TYR A 141 14.49 14.83 -3.52
C TYR A 141 13.46 14.78 -4.63
N THR A 142 13.67 13.97 -5.66
CA THR A 142 12.75 13.84 -6.78
C THR A 142 12.01 12.51 -6.78
N THR A 143 12.19 11.70 -5.74
CA THR A 143 11.58 10.38 -5.67
C THR A 143 10.62 10.31 -4.49
N LEU A 144 9.63 9.44 -4.61
CA LEU A 144 8.73 9.11 -3.51
C LEU A 144 8.78 7.60 -3.32
N PRO A 145 9.38 7.08 -2.24
CA PRO A 145 9.90 7.79 -1.06
C PRO A 145 11.14 8.67 -1.31
N VAL A 146 11.41 9.53 -0.33
CA VAL A 146 12.43 10.57 -0.45
C VAL A 146 13.73 10.08 0.17
N GLY A 147 14.83 10.27 -0.55
CA GLY A 147 16.17 9.99 -0.05
C GLY A 147 16.93 11.29 0.18
N GLY A 148 17.64 11.37 1.30
CA GLY A 148 18.31 12.57 1.72
C GLY A 148 19.74 12.66 1.24
N LYS A 149 20.57 13.33 2.05
CA LYS A 149 21.98 13.48 1.72
C LYS A 149 22.87 13.19 2.93
N SER A 165 33.18 10.67 5.14
CA SER A 165 32.58 9.61 4.33
C SER A 165 33.39 9.33 3.08
N ASP A 166 32.95 8.32 2.35
CA ASP A 166 33.55 7.99 1.06
C ASP A 166 32.76 6.83 0.44
N LYS A 167 32.85 6.81 -0.89
CA LYS A 167 32.07 5.90 -1.70
C LYS A 167 30.58 6.24 -1.60
N PRO A 168 29.80 6.03 -2.65
CA PRO A 168 28.40 6.44 -2.63
C PRO A 168 27.51 5.49 -1.86
N GLN A 169 26.48 6.05 -1.23
CA GLN A 169 25.50 5.26 -0.47
C GLN A 169 24.22 6.06 -0.32
N ASN A 170 23.08 5.41 -0.59
CA ASN A 170 21.79 6.05 -0.40
C ASN A 170 21.54 6.32 1.08
N ASN A 171 21.02 7.51 1.38
CA ASN A 171 20.66 7.89 2.74
C ASN A 171 19.16 8.12 2.82
N PRO A 172 18.36 7.13 3.24
CA PRO A 172 16.91 7.28 3.19
C PRO A 172 16.40 8.22 4.26
N ASN A 173 15.40 9.03 3.90
CA ASN A 173 14.68 9.88 4.83
C ASN A 173 13.47 9.17 5.45
N PHE A 174 13.49 7.85 5.47
CA PHE A 174 12.41 7.04 6.02
C PHE A 174 13.02 5.94 6.87
N ASP A 175 12.22 5.40 7.79
CA ASP A 175 12.73 4.41 8.74
C ASP A 175 12.35 3.00 8.29
N PHE A 176 12.96 2.59 7.18
CA PHE A 176 12.91 1.20 6.76
C PHE A 176 13.91 0.99 5.63
N PHE A 177 14.48 -0.20 5.58
CA PHE A 177 15.52 -0.49 4.61
C PHE A 177 15.01 -0.28 3.19
N ASN A 178 15.96 -0.12 2.27
CA ASN A 178 15.65 0.26 0.89
C ASN A 178 15.78 -0.96 -0.02
N TYR A 179 14.86 -1.90 0.15
CA TYR A 179 14.83 -3.10 -0.69
C TYR A 179 14.37 -2.73 -2.09
N CYS A 180 15.20 -3.02 -3.10
CA CYS A 180 14.76 -2.79 -4.47
C CYS A 180 15.10 -4.01 -5.33
N GLY A 181 14.74 -3.91 -6.59
CA GLY A 181 14.64 -5.03 -7.50
C GLY A 181 13.22 -5.20 -7.98
N ILE A 182 12.98 -6.32 -8.68
CA ILE A 182 11.64 -6.62 -9.15
C ILE A 182 10.81 -7.12 -7.98
N THR A 183 10.17 -6.18 -7.26
CA THR A 183 9.54 -6.52 -6.00
C THR A 183 8.28 -7.36 -6.21
N ARG A 184 7.53 -7.09 -7.27
CA ARG A 184 6.32 -7.85 -7.52
C ARG A 184 6.42 -8.54 -8.88
N PRO A 185 5.44 -9.35 -9.27
CA PRO A 185 5.67 -10.31 -10.36
C PRO A 185 5.75 -9.68 -11.73
N VAL A 186 6.46 -10.37 -12.62
CA VAL A 186 6.56 -10.03 -14.04
C VAL A 186 5.82 -11.11 -14.81
N LYS A 187 4.94 -10.71 -15.72
CA LYS A 187 4.12 -11.66 -16.46
C LYS A 187 3.77 -11.07 -17.81
N ILE A 188 3.19 -11.93 -18.66
CA ILE A 188 2.69 -11.57 -19.98
C ILE A 188 1.22 -12.00 -20.06
N TYR A 189 0.35 -11.13 -20.57
CA TYR A 189 -1.00 -11.51 -20.89
C TYR A 189 -1.35 -10.98 -22.27
N THR A 190 -2.57 -11.28 -22.73
CA THR A 190 -2.98 -10.94 -24.08
C THR A 190 -4.47 -10.64 -24.09
N THR A 191 -4.87 -9.66 -24.88
CA THR A 191 -6.27 -9.25 -25.03
C THR A 191 -6.61 -9.17 -26.51
N PRO A 192 -7.89 -9.08 -26.84
CA PRO A 192 -8.28 -8.83 -28.23
C PRO A 192 -7.96 -7.41 -28.65
N GLU A 193 -7.80 -7.22 -29.96
CA GLU A 193 -7.41 -5.91 -30.48
C GLU A 193 -8.31 -4.81 -29.97
N THR A 194 -9.58 -5.11 -29.74
CA THR A 194 -10.50 -4.24 -29.00
C THR A 194 -10.81 -4.92 -27.68
N TYR A 195 -10.41 -4.27 -26.59
CA TYR A 195 -10.34 -4.90 -25.27
C TYR A 195 -10.92 -3.96 -24.23
N ILE A 196 -11.31 -4.54 -23.09
CA ILE A 196 -11.70 -3.74 -21.94
C ILE A 196 -10.45 -3.16 -21.31
N ASN A 197 -10.49 -1.85 -21.00
CA ASN A 197 -9.35 -1.18 -20.40
C ASN A 197 -9.63 -0.67 -18.99
N ASP A 198 -10.89 -0.60 -18.57
CA ASP A 198 -11.17 -0.04 -17.25
C ASP A 198 -12.64 -0.16 -16.87
N ILE A 199 -12.90 -0.78 -15.72
CA ILE A 199 -14.21 -0.84 -15.13
C ILE A 199 -14.31 0.27 -14.07
N THR A 200 -15.52 0.53 -13.60
CA THR A 200 -15.73 1.47 -12.50
C THR A 200 -17.14 1.32 -11.94
N VAL A 201 -17.29 0.61 -10.84
CA VAL A 201 -18.59 0.34 -10.22
C VAL A 201 -18.68 1.14 -8.93
N THR A 202 -19.73 1.93 -8.81
CA THR A 202 -20.05 2.65 -7.59
C THR A 202 -21.36 2.11 -7.02
N ALA A 203 -21.82 2.72 -5.93
CA ALA A 203 -23.02 2.21 -5.28
C ALA A 203 -23.62 3.27 -4.38
N ASP A 204 -24.95 3.33 -4.37
CA ASP A 204 -25.69 4.08 -3.37
C ASP A 204 -26.65 3.11 -2.70
N ILE A 205 -26.45 2.90 -1.41
CA ILE A 205 -27.30 1.99 -0.65
C ILE A 205 -28.44 2.79 -0.03
N ASP A 206 -29.64 2.22 -0.10
CA ASP A 206 -30.84 2.86 0.41
C ASP A 206 -31.17 2.23 1.76
N PHE A 207 -30.37 2.57 2.76
CA PHE A 207 -30.61 2.02 4.11
C PHE A 207 -31.98 2.51 4.56
N THR A 208 -32.67 3.20 3.66
CA THR A 208 -34.08 3.61 3.78
C THR A 208 -34.85 2.54 4.51
N LYS A 209 -34.93 1.45 3.76
CA LYS A 209 -35.77 0.30 4.15
C LYS A 209 -35.18 -0.46 5.33
N GLU A 210 -36.00 -0.73 6.36
CA GLU A 210 -35.54 -1.54 7.48
C GLU A 210 -34.70 -2.71 6.98
N GLU A 211 -35.24 -3.47 6.02
CA GLU A 211 -34.44 -4.42 5.26
C GLU A 211 -33.91 -3.71 4.03
N PRO A 212 -32.61 -3.44 3.94
CA PRO A 212 -32.10 -2.52 2.92
C PRO A 212 -31.71 -3.22 1.62
N SER A 213 -31.51 -2.40 0.59
CA SER A 213 -30.98 -2.82 -0.70
C SER A 213 -30.69 -1.55 -1.48
N ALA A 214 -29.98 -1.71 -2.60
CA ALA A 214 -29.47 -0.55 -3.32
C ALA A 214 -29.31 -0.90 -4.79
N VAL A 215 -28.57 -0.06 -5.52
CA VAL A 215 -28.28 -0.29 -6.92
C VAL A 215 -26.91 0.29 -7.24
N LEU A 216 -26.25 -0.32 -8.22
CA LEU A 216 -24.88 0.03 -8.57
C LEU A 216 -24.83 0.59 -9.99
N ASN A 217 -23.85 1.46 -10.23
CA ASN A 217 -23.62 2.06 -11.53
C ASN A 217 -22.27 1.58 -12.07
N TYR A 218 -22.29 1.04 -13.28
CA TYR A 218 -21.07 0.61 -13.94
C TYR A 218 -20.56 1.71 -14.87
N ASN A 219 -19.37 1.48 -15.42
CA ASN A 219 -18.76 2.45 -16.33
C ASN A 219 -17.60 1.83 -17.09
N VAL A 220 -17.90 0.93 -18.03
CA VAL A 220 -16.89 0.34 -18.88
C VAL A 220 -16.51 1.32 -19.99
N GLU A 221 -15.34 1.09 -20.58
CA GLU A 221 -15.08 1.62 -21.91
C GLU A 221 -13.79 1.01 -22.42
N ILE A 222 -13.72 0.90 -23.75
CA ILE A 222 -12.91 -0.10 -24.44
C ILE A 222 -11.82 0.58 -25.24
N LYS A 223 -11.11 -0.19 -26.06
CA LYS A 223 -10.05 0.34 -26.90
C LYS A 223 -9.51 -0.73 -27.86
N ASN A 228 -11.02 -0.97 -32.92
CA ASN A 228 -12.43 -1.10 -33.30
C ASN A 228 -13.34 -0.83 -32.11
N ASN A 229 -14.60 -1.23 -32.23
CA ASN A 229 -15.58 -1.01 -31.17
C ASN A 229 -16.83 -1.86 -31.39
N THR A 231 -20.17 -4.51 -29.19
CA THR A 231 -21.25 -4.32 -28.23
C THR A 231 -20.75 -4.39 -26.79
N CYS A 232 -21.58 -3.97 -25.85
CA CYS A 232 -21.06 -3.70 -24.52
C CYS A 232 -22.19 -3.78 -23.49
N LYS A 233 -22.23 -4.89 -22.73
CA LYS A 233 -23.28 -5.09 -21.73
C LYS A 233 -22.97 -6.35 -20.93
N VAL A 234 -23.26 -6.10 -19.62
CA VAL A 234 -22.66 -6.75 -18.48
C VAL A 234 -23.66 -7.65 -17.75
N GLU A 235 -23.12 -8.70 -17.13
CA GLU A 235 -23.85 -9.66 -16.32
C GLU A 235 -23.40 -9.59 -14.87
N LEU A 236 -24.30 -9.99 -13.96
CA LEU A 236 -24.08 -9.89 -12.53
C LEU A 236 -24.33 -11.24 -11.86
N PHE A 237 -23.51 -11.55 -10.85
CA PHE A 237 -23.57 -12.84 -10.15
C PHE A 237 -23.45 -12.59 -8.65
N ASP A 238 -23.31 -13.69 -7.90
CA ASP A 238 -23.11 -13.66 -6.45
C ASP A 238 -22.00 -14.64 -6.10
N GLU A 239 -21.75 -14.79 -4.79
CA GLU A 239 -20.67 -15.64 -4.31
C GLU A 239 -20.52 -16.93 -5.11
N GLU A 240 -21.61 -17.70 -5.20
CA GLU A 240 -21.51 -19.06 -5.69
C GLU A 240 -21.54 -19.14 -7.22
N GLY A 241 -22.19 -18.19 -7.88
CA GLY A 241 -22.16 -18.13 -9.33
C GLY A 241 -23.52 -17.97 -9.99
N THR A 242 -24.57 -17.83 -9.18
CA THR A 242 -25.91 -17.66 -9.72
C THR A 242 -26.09 -16.25 -10.27
N LYS A 243 -26.58 -16.15 -11.51
CA LYS A 243 -26.81 -14.86 -12.13
C LYS A 243 -28.03 -14.18 -11.54
N LEU A 244 -27.98 -12.85 -11.47
CA LEU A 244 -29.06 -12.06 -10.90
C LEU A 244 -29.57 -10.92 -11.78
N SER A 245 -28.89 -10.58 -12.88
CA SER A 245 -29.33 -9.47 -13.72
C SER A 245 -28.50 -9.44 -14.99
N GLU A 246 -28.86 -8.50 -15.88
CA GLU A 246 -28.17 -8.21 -17.14
C GLU A 246 -28.59 -6.81 -17.59
N THR A 247 -27.72 -6.12 -18.31
CA THR A 247 -28.07 -4.81 -18.86
C THR A 247 -27.08 -4.45 -19.94
N GLU A 248 -27.24 -3.24 -20.50
CA GLU A 248 -26.38 -2.71 -21.55
C GLU A 248 -25.89 -1.31 -21.22
N GLY A 249 -24.85 -0.90 -21.93
CA GLY A 249 -24.45 0.49 -21.97
C GLY A 249 -23.04 0.71 -21.46
N SER A 250 -22.55 1.93 -21.71
CA SER A 250 -21.28 2.41 -21.22
C SER A 250 -21.32 2.82 -19.75
N GLU A 251 -22.48 3.28 -19.27
CA GLU A 251 -22.61 3.87 -17.93
C GLU A 251 -24.07 3.72 -17.47
N GLY A 252 -24.46 2.49 -17.17
CA GLY A 252 -25.80 2.17 -16.76
C GLY A 252 -25.91 1.85 -15.27
N THR A 253 -26.96 1.11 -14.93
CA THR A 253 -27.31 0.74 -13.55
C THR A 253 -27.45 -0.77 -13.45
N PHE A 254 -27.58 -1.26 -12.19
CA PHE A 254 -27.70 -2.68 -11.83
C PHE A 254 -28.40 -2.75 -10.47
N GLU A 255 -29.72 -2.65 -10.46
CA GLU A 255 -30.43 -2.70 -9.20
C GLU A 255 -30.37 -4.10 -8.59
N ILE A 256 -30.18 -4.11 -7.28
CA ILE A 256 -30.18 -5.31 -6.44
C ILE A 256 -31.15 -5.07 -5.28
N SER A 257 -31.84 -6.13 -4.87
CA SER A 257 -32.83 -6.05 -3.80
C SER A 257 -32.47 -7.02 -2.67
N ASN A 258 -32.49 -6.45 -1.44
CA ASN A 258 -31.89 -7.05 -0.25
C ASN A 258 -30.50 -7.62 -0.53
N VAL A 259 -29.53 -6.71 -0.62
CA VAL A 259 -28.15 -7.05 -0.96
C VAL A 259 -27.35 -7.28 0.31
N ARG A 260 -26.30 -8.07 0.19
CA ARG A 260 -25.41 -8.37 1.31
C ARG A 260 -24.29 -7.34 1.33
N LEU A 261 -24.27 -6.51 2.36
CA LEU A 261 -23.30 -5.43 2.46
C LEU A 261 -21.96 -5.96 2.96
N TRP A 262 -20.93 -5.86 2.11
CA TRP A 262 -19.57 -6.11 2.57
C TRP A 262 -19.30 -5.32 3.84
N GLN A 263 -18.93 -6.03 4.90
CA GLN A 263 -18.72 -5.42 6.20
C GLN A 263 -17.38 -5.85 6.77
N PRO A 264 -16.85 -5.10 7.73
CA PRO A 264 -15.56 -5.47 8.34
C PRO A 264 -15.65 -6.86 8.98
N LEU A 265 -14.72 -7.73 8.59
CA LEU A 265 -14.65 -9.09 9.09
C LEU A 265 -15.89 -9.90 8.73
N ASN A 266 -16.56 -9.53 7.65
CA ASN A 266 -17.71 -10.27 7.14
C ASN A 266 -17.94 -9.92 5.68
N ALA A 267 -17.02 -10.36 4.82
CA ALA A 267 -17.00 -9.91 3.44
C ALA A 267 -17.98 -10.70 2.58
N TYR A 268 -18.84 -9.97 1.86
CA TYR A 268 -19.63 -10.53 0.77
C TYR A 268 -19.21 -9.84 -0.52
N LEU A 269 -18.85 -10.62 -1.52
CA LEU A 269 -18.34 -10.10 -2.78
C LEU A 269 -19.20 -10.59 -3.92
N TYR A 270 -19.91 -9.68 -4.58
CA TYR A 270 -20.55 -9.97 -5.85
C TYR A 270 -19.50 -9.97 -6.96
N LYS A 271 -19.85 -10.60 -8.07
CA LYS A 271 -18.96 -10.69 -9.21
C LYS A 271 -19.67 -10.19 -10.47
N ILE A 272 -18.89 -9.69 -11.41
CA ILE A 272 -19.40 -9.01 -12.60
C ILE A 272 -18.71 -9.59 -13.83
N LYS A 273 -19.50 -10.02 -14.80
CA LYS A 273 -18.99 -10.55 -16.06
C LYS A 273 -19.33 -9.55 -17.16
N VAL A 274 -18.41 -8.60 -17.38
CA VAL A 274 -18.57 -7.62 -18.45
C VAL A 274 -18.13 -8.30 -19.75
N THR A 275 -19.13 -8.78 -20.49
CA THR A 275 -18.82 -9.42 -21.80
C THR A 275 -18.99 -8.35 -22.88
N ALA A 276 -17.92 -8.04 -23.60
CA ALA A 276 -17.97 -7.00 -24.64
C ALA A 276 -17.01 -7.36 -25.77
N GLY A 277 -17.46 -7.26 -27.02
CA GLY A 277 -16.60 -7.70 -28.14
C GLY A 277 -16.19 -9.15 -27.93
N GLN A 278 -15.04 -9.53 -28.45
CA GLN A 278 -14.55 -10.91 -28.19
C GLN A 278 -13.82 -10.91 -26.84
N ASP A 279 -14.15 -9.95 -25.97
CA ASP A 279 -13.40 -9.82 -24.69
C ASP A 279 -14.32 -10.04 -23.48
N VAL A 280 -13.87 -10.87 -22.55
CA VAL A 280 -14.61 -11.10 -21.31
C VAL A 280 -13.63 -11.00 -20.15
N TYR A 281 -13.99 -10.20 -19.16
CA TYR A 281 -13.21 -10.05 -17.93
C TYR A 281 -14.21 -9.86 -16.79
N THR A 282 -13.95 -10.50 -15.67
CA THR A 282 -14.88 -10.41 -14.55
C THR A 282 -14.19 -9.82 -13.34
N LEU A 283 -15.03 -9.26 -12.45
CA LEU A 283 -14.60 -8.36 -11.38
C LEU A 283 -15.36 -8.69 -10.11
N PRO A 284 -14.68 -8.96 -9.00
CA PRO A 284 -15.38 -9.09 -7.72
C PRO A 284 -15.61 -7.72 -7.09
N TYR A 285 -16.76 -7.56 -6.45
CA TYR A 285 -17.16 -6.26 -5.92
C TYR A 285 -17.91 -6.44 -4.62
N GLY A 286 -17.74 -5.46 -3.73
CA GLY A 286 -18.45 -5.44 -2.47
C GLY A 286 -19.23 -4.14 -2.31
N VAL A 287 -20.39 -4.24 -1.67
CA VAL A 287 -21.28 -3.10 -1.46
C VAL A 287 -21.11 -2.62 -0.03
N ARG A 288 -20.61 -1.40 0.13
CA ARG A 288 -20.44 -0.82 1.45
C ARG A 288 -20.44 0.69 1.35
N SER A 289 -20.84 1.33 2.45
CA SER A 289 -20.95 2.78 2.54
C SER A 289 -19.90 3.32 3.49
N VAL A 290 -19.19 4.36 3.08
CA VAL A 290 -18.20 5.02 3.91
C VAL A 290 -18.47 6.52 3.87
N ARG A 291 -18.69 7.12 5.03
CA ARG A 291 -18.88 8.56 5.12
C ARG A 291 -18.64 9.00 6.57
N VAL A 292 -17.97 10.13 6.73
CA VAL A 292 -17.67 10.68 8.05
C VAL A 292 -18.84 11.55 8.49
N ASP A 293 -19.02 11.65 9.82
CA ASP A 293 -20.10 12.46 10.40
C ASP A 293 -19.61 13.01 11.73
N GLY A 294 -18.93 14.16 11.67
CA GLY A 294 -18.41 14.81 12.87
C GLY A 294 -17.22 14.08 13.46
N THR A 295 -17.47 13.31 14.53
CA THR A 295 -16.41 12.50 15.12
C THR A 295 -16.81 11.03 15.11
N LYS A 296 -17.20 10.52 13.94
CA LYS A 296 -17.64 9.13 13.83
C LYS A 296 -17.41 8.65 12.41
N PHE A 297 -16.53 7.65 12.27
CA PHE A 297 -16.28 7.01 10.99
C PHE A 297 -17.32 5.92 10.76
N LEU A 298 -18.12 6.06 9.70
CA LEU A 298 -19.27 5.21 9.47
C LEU A 298 -19.07 4.37 8.22
N ILE A 299 -19.03 3.05 8.40
CA ILE A 299 -19.09 2.10 7.30
C ILE A 299 -20.48 1.47 7.33
N ASN A 300 -21.16 1.47 6.19
CA ASN A 300 -22.55 1.00 6.13
C ASN A 300 -23.41 1.71 7.17
N GLU A 301 -23.21 3.03 7.28
CA GLU A 301 -23.99 3.88 8.18
C GLU A 301 -23.94 3.38 9.62
N LYS A 302 -22.81 2.83 10.03
CA LYS A 302 -22.60 2.35 11.39
C LYS A 302 -21.29 2.89 11.94
N PRO A 303 -21.23 3.19 13.23
CA PRO A 303 -20.02 3.79 13.83
C PRO A 303 -18.93 2.75 14.02
N PHE A 304 -17.84 2.91 13.29
CA PHE A 304 -16.75 1.95 13.29
C PHE A 304 -15.70 2.29 14.34
N TYR A 305 -14.79 1.36 14.58
CA TYR A 305 -13.61 1.58 15.40
C TYR A 305 -12.46 0.79 14.80
N PHE A 306 -11.36 1.46 14.51
CA PHE A 306 -10.22 0.82 13.87
C PHE A 306 -9.43 0.01 14.89
N LYS A 307 -9.31 -1.29 14.63
CA LYS A 307 -8.55 -2.17 15.52
C LYS A 307 -7.58 -2.93 14.64
N GLY A 308 -6.29 -2.62 14.76
CA GLY A 308 -5.32 -3.27 13.89
C GLY A 308 -3.96 -2.66 14.08
N TYR A 309 -3.21 -2.51 13.00
CA TYR A 309 -1.83 -2.00 13.12
C TYR A 309 -1.34 -1.49 11.79
N GLY A 310 -0.26 -0.71 11.82
CA GLY A 310 0.36 -0.30 10.57
C GLY A 310 1.41 -1.34 10.27
N LYS A 311 1.50 -1.80 9.04
CA LYS A 311 2.41 -2.90 8.79
C LYS A 311 3.35 -2.57 7.64
N HIS A 312 4.04 -3.59 7.14
CA HIS A 312 5.06 -3.43 6.12
C HIS A 312 5.04 -4.66 5.23
N GLU A 313 5.49 -4.48 3.98
CA GLU A 313 5.78 -5.62 3.12
C GLU A 313 7.24 -6.00 3.37
N ASP A 314 7.45 -6.75 4.45
CA ASP A 314 8.78 -7.07 4.93
C ASP A 314 8.81 -8.52 5.39
N THR A 315 9.68 -9.32 4.78
CA THR A 315 9.91 -10.69 5.19
C THR A 315 11.38 -11.01 4.94
N PHE A 316 11.79 -12.20 5.37
CA PHE A 316 13.15 -12.63 5.14
C PHE A 316 13.17 -13.98 4.44
N PRO A 317 14.02 -14.17 3.42
CA PRO A 317 14.91 -13.11 2.92
C PRO A 317 14.29 -12.33 1.77
N ASN A 318 13.00 -12.54 1.53
CA ASN A 318 12.33 -11.97 0.37
C ASN A 318 12.54 -10.47 0.24
N GLY A 319 12.98 -9.80 1.30
CA GLY A 319 13.00 -8.35 1.26
C GLY A 319 11.59 -7.83 1.17
N ARG A 320 11.36 -6.86 0.28
CA ARG A 320 10.01 -6.41 0.02
C ARG A 320 9.31 -7.24 -1.05
N GLY A 321 9.97 -8.28 -1.56
CA GLY A 321 9.34 -9.12 -2.57
C GLY A 321 8.07 -9.75 -2.06
N ILE A 322 7.10 -9.90 -2.97
CA ILE A 322 5.78 -10.42 -2.61
C ILE A 322 5.91 -11.80 -2.01
N ASN A 323 5.12 -12.07 -0.95
CA ASN A 323 5.10 -13.37 -0.27
C ASN A 323 3.64 -13.70 0.04
N LEU A 324 2.96 -14.29 -0.95
CA LEU A 324 1.55 -14.64 -0.77
C LEU A 324 1.31 -15.53 0.43
N PRO A 325 2.14 -16.53 0.73
CA PRO A 325 1.89 -17.32 1.95
C PRO A 325 1.84 -16.49 3.22
N MET A 326 2.85 -15.64 3.43
CA MET A 326 2.84 -14.80 4.62
C MET A 326 1.63 -13.88 4.64
N ASN A 327 1.22 -13.40 3.47
CA ASN A 327 0.02 -12.56 3.37
C ASN A 327 -1.16 -13.23 4.07
N THR A 328 -1.48 -14.46 3.66
CA THR A 328 -2.56 -15.18 4.33
C THR A 328 -2.23 -15.45 5.79
N LYS A 329 -0.95 -15.72 6.10
CA LYS A 329 -0.59 -15.97 7.49
C LYS A 329 -0.82 -14.74 8.35
N ASP A 330 -0.43 -13.56 7.87
CA ASP A 330 -0.70 -12.34 8.61
C ASP A 330 -2.19 -12.14 8.82
N ILE A 331 -2.99 -12.36 7.77
CA ILE A 331 -4.43 -12.16 7.88
C ILE A 331 -5.02 -13.11 8.91
N SER A 332 -4.52 -14.35 8.96
CA SER A 332 -4.98 -15.28 9.98
C SER A 332 -4.63 -14.77 11.36
N ILE A 333 -3.37 -14.35 11.55
CA ILE A 333 -2.94 -13.82 12.84
C ILE A 333 -3.81 -12.65 13.25
N MET A 334 -4.15 -11.77 12.30
CA MET A 334 -5.01 -10.62 12.61
C MET A 334 -6.38 -11.08 13.09
N LYS A 335 -7.01 -11.99 12.35
CA LYS A 335 -8.27 -12.55 12.81
C LYS A 335 -8.10 -13.24 14.16
N TRP A 336 -7.02 -14.00 14.32
CA TRP A 336 -6.73 -14.62 15.61
C TRP A 336 -6.64 -13.58 16.73
N GLN A 337 -6.13 -12.39 16.40
CA GLN A 337 -5.93 -11.34 17.40
C GLN A 337 -7.14 -10.45 17.60
N HIS A 338 -8.20 -10.62 16.79
CA HIS A 338 -9.41 -9.80 16.90
C HIS A 338 -9.14 -8.39 16.40
N ALA A 339 -8.56 -8.29 15.21
CA ALA A 339 -8.32 -7.02 14.55
C ALA A 339 -9.22 -6.89 13.33
N ASN A 340 -9.21 -5.70 12.74
CA ASN A 340 -10.03 -5.43 11.56
C ASN A 340 -9.37 -4.53 10.53
N SER A 341 -8.44 -3.66 10.90
CA SER A 341 -7.89 -2.63 10.05
C SER A 341 -6.38 -2.83 9.87
N PHE A 342 -5.81 -2.06 8.97
CA PHE A 342 -4.37 -1.93 8.85
C PHE A 342 -4.04 -0.90 7.78
N ARG A 343 -3.11 -0.01 8.08
CA ARG A 343 -2.66 0.99 7.11
C ARG A 343 -1.55 0.39 6.28
N THR A 344 -1.50 0.76 5.00
CA THR A 344 -0.55 0.16 4.07
C THR A 344 0.82 0.82 4.26
N SER A 345 1.50 0.39 5.33
CA SER A 345 2.94 0.63 5.43
C SER A 345 3.31 2.10 5.28
N HIS A 346 4.03 2.33 4.19
CA HIS A 346 4.37 3.66 3.71
C HIS A 346 4.46 3.63 2.19
N TYR A 347 3.51 2.93 1.55
CA TYR A 347 3.51 2.72 0.12
C TYR A 347 2.38 1.78 -0.26
N PRO A 348 1.93 1.78 -1.52
CA PRO A 348 0.87 0.86 -1.92
C PRO A 348 1.36 -0.58 -1.85
N TYR A 349 0.47 -1.48 -1.45
CA TYR A 349 0.81 -2.90 -1.35
C TYR A 349 0.46 -3.63 -2.64
N SER A 350 0.86 -4.89 -2.71
CA SER A 350 0.62 -5.69 -3.89
C SER A 350 -0.89 -5.86 -4.13
N GLU A 351 -1.24 -6.09 -5.39
CA GLU A 351 -2.65 -6.28 -5.73
C GLU A 351 -3.22 -7.54 -5.06
N GLU A 352 -2.45 -8.62 -5.06
CA GLU A 352 -2.91 -9.86 -4.44
C GLU A 352 -3.33 -9.63 -2.99
N MET A 353 -2.55 -8.83 -2.26
CA MET A 353 -2.93 -8.53 -0.87
C MET A 353 -4.18 -7.67 -0.82
N MET A 354 -4.28 -6.67 -1.70
CA MET A 354 -5.47 -5.82 -1.72
C MET A 354 -6.73 -6.65 -1.94
N ARG A 355 -6.69 -7.57 -2.91
CA ARG A 355 -7.84 -8.42 -3.16
C ARG A 355 -8.10 -9.35 -1.98
N LEU A 356 -7.06 -9.95 -1.43
CA LEU A 356 -7.23 -10.85 -0.29
C LEU A 356 -7.97 -10.18 0.86
N CYS A 357 -7.72 -8.89 1.08
CA CYS A 357 -8.46 -8.16 2.09
C CYS A 357 -9.94 -8.01 1.72
N ASP A 358 -10.26 -8.07 0.42
CA ASP A 358 -11.67 -8.07 0.02
C ASP A 358 -12.34 -9.38 0.41
N GLU A 359 -11.68 -10.51 0.15
CA GLU A 359 -12.28 -11.80 0.47
C GLU A 359 -12.43 -12.00 1.97
N GLU A 360 -11.43 -11.57 2.75
CA GLU A 360 -11.47 -11.76 4.19
C GLU A 360 -12.11 -10.60 4.93
N GLY A 361 -12.37 -9.48 4.27
CA GLY A 361 -13.05 -8.35 4.90
C GLY A 361 -12.18 -7.59 5.87
N ILE A 362 -11.03 -7.13 5.41
CA ILE A 362 -10.10 -6.34 6.22
C ILE A 362 -10.19 -4.90 5.75
N VAL A 363 -10.70 -4.02 6.61
CA VAL A 363 -10.76 -2.61 6.23
C VAL A 363 -9.35 -2.05 6.20
N VAL A 364 -9.03 -1.38 5.10
CA VAL A 364 -7.66 -1.03 4.76
C VAL A 364 -7.57 0.45 4.45
N ILE A 365 -6.49 1.07 4.92
CA ILE A 365 -6.16 2.47 4.58
C ILE A 365 -5.03 2.42 3.57
N ASP A 366 -5.28 2.97 2.38
CA ASP A 366 -4.28 2.98 1.31
C ASP A 366 -3.40 4.21 1.43
N GLU A 367 -2.09 4.00 1.39
CA GLU A 367 -1.11 5.07 1.53
C GLU A 367 -0.22 5.14 0.30
N THR A 368 0.22 6.34 -0.04
CA THR A 368 1.08 6.54 -1.19
C THR A 368 2.54 6.33 -0.79
N THR A 369 3.44 6.36 -1.78
CA THR A 369 4.89 6.23 -1.47
C THR A 369 5.41 7.59 -1.02
N ALA A 370 4.55 8.41 -0.43
CA ALA A 370 4.92 9.78 -0.04
C ALA A 370 5.34 9.82 1.44
N VAL A 371 6.51 9.23 1.69
CA VAL A 371 7.11 9.31 3.04
C VAL A 371 8.50 9.92 2.83
N GLY A 372 8.90 10.90 3.64
CA GLY A 372 10.18 11.58 3.44
C GLY A 372 10.01 13.05 3.10
N VAL A 373 8.77 13.52 3.02
CA VAL A 373 8.48 14.95 2.71
C VAL A 373 8.63 15.77 4.01
N ASN A 374 9.74 15.58 4.71
CA ASN A 374 10.00 16.35 5.95
C ASN A 374 11.51 16.50 6.10
N LEU A 375 12.02 17.71 5.86
CA LEU A 375 13.44 17.98 5.99
C LEU A 375 13.80 18.53 7.36
N GLN A 376 12.85 18.55 8.30
CA GLN A 376 13.13 18.97 9.67
C GLN A 376 13.67 17.81 10.48
N PHE A 377 14.65 17.09 9.95
CA PHE A 377 15.18 15.90 10.60
C PHE A 377 16.70 15.96 10.74
N ARG A 387 19.86 26.38 6.52
CA ARG A 387 18.67 25.65 6.98
C ARG A 387 17.51 25.84 6.01
N ILE A 388 17.42 24.96 5.02
CA ILE A 388 16.38 25.05 4.00
C ILE A 388 15.15 24.29 4.47
N GLY A 389 13.97 24.80 4.09
CA GLY A 389 12.71 24.20 4.50
C GLY A 389 12.21 23.13 3.53
N THR A 390 11.26 22.34 4.03
CA THR A 390 10.78 21.17 3.27
C THR A 390 10.32 21.57 1.88
N PHE A 391 9.46 22.59 1.78
CA PHE A 391 8.85 22.96 0.51
C PHE A 391 9.52 24.17 -0.14
N ASP A 392 10.70 24.56 0.34
CA ASP A 392 11.57 25.47 -0.39
C ASP A 392 11.58 25.09 -1.86
N LYS A 393 11.14 26.00 -2.72
CA LYS A 393 10.86 25.63 -4.10
C LYS A 393 12.11 25.56 -4.97
N GLU A 394 13.31 25.76 -4.40
CA GLU A 394 14.52 25.55 -5.19
C GLU A 394 15.52 24.63 -4.51
N HIS A 395 15.72 24.77 -3.20
CA HIS A 395 16.62 23.91 -2.43
C HIS A 395 15.80 23.06 -1.48
N GLY A 396 14.98 22.19 -2.05
CA GLY A 396 14.12 21.36 -1.24
C GLY A 396 13.37 20.36 -2.10
N VAL A 397 12.30 19.82 -1.52
CA VAL A 397 11.51 18.76 -2.13
C VAL A 397 11.15 19.13 -3.57
N GLN A 398 11.13 18.12 -4.44
CA GLN A 398 10.77 18.29 -5.84
C GLN A 398 9.89 17.12 -6.27
N THR A 399 8.83 16.88 -5.49
CA THR A 399 8.03 15.67 -5.64
C THR A 399 6.57 15.91 -5.96
N GLN A 400 6.08 17.15 -5.87
CA GLN A 400 4.66 17.40 -6.05
C GLN A 400 4.13 16.79 -7.34
N GLU A 401 4.87 16.96 -8.44
CA GLU A 401 4.45 16.39 -9.72
C GLU A 401 4.30 14.88 -9.61
N HIS A 402 5.42 14.17 -9.43
CA HIS A 402 5.36 12.72 -9.30
C HIS A 402 4.39 12.30 -8.20
N HIS A 403 4.32 13.07 -7.11
CA HIS A 403 3.35 12.78 -6.06
C HIS A 403 1.94 12.72 -6.63
N LYS A 404 1.61 13.62 -7.56
CA LYS A 404 0.29 13.60 -8.16
C LYS A 404 0.08 12.37 -9.03
N ASP A 405 1.14 11.88 -9.68
CA ASP A 405 0.99 10.72 -10.55
C ASP A 405 0.54 9.49 -9.77
N VAL A 406 1.20 9.23 -8.63
CA VAL A 406 0.86 8.04 -7.85
C VAL A 406 -0.54 8.16 -7.27
N ILE A 407 -0.93 9.36 -6.83
CA ILE A 407 -2.32 9.57 -6.42
C ILE A 407 -3.26 9.21 -7.57
N ARG A 408 -2.83 9.43 -8.81
CA ARG A 408 -3.61 8.99 -9.96
C ARG A 408 -3.48 7.49 -10.17
N ASP A 409 -2.25 6.97 -10.25
CA ASP A 409 -2.04 5.57 -10.57
C ASP A 409 -2.56 4.63 -9.49
N LEU A 410 -2.65 5.08 -8.23
CA LEU A 410 -3.10 4.19 -7.16
C LEU A 410 -4.62 4.13 -7.11
N ILE A 411 -5.29 5.28 -7.07
CA ILE A 411 -6.74 5.29 -7.13
C ILE A 411 -7.21 4.67 -8.43
N SER A 412 -6.42 4.80 -9.49
CA SER A 412 -6.72 4.13 -10.74
C SER A 412 -6.66 2.61 -10.61
N ARG A 413 -6.02 2.10 -9.57
CA ARG A 413 -5.78 0.67 -9.40
C ARG A 413 -6.71 0.00 -8.39
N ASP A 414 -6.95 0.61 -7.23
CA ASP A 414 -7.70 -0.03 -6.16
C ASP A 414 -9.02 0.67 -5.86
N LYS A 415 -9.52 1.49 -6.79
CA LYS A 415 -10.75 2.24 -6.53
C LYS A 415 -11.96 1.34 -6.36
N ASN A 416 -11.90 0.10 -6.83
CA ASN A 416 -13.03 -0.83 -6.76
C ASN A 416 -12.95 -1.78 -5.56
N HIS A 417 -12.18 -1.42 -4.54
CA HIS A 417 -11.94 -2.30 -3.40
C HIS A 417 -12.80 -1.83 -2.23
N ALA A 418 -13.84 -2.60 -1.93
CA ALA A 418 -14.63 -2.32 -0.72
C ALA A 418 -13.74 -2.25 0.50
N CYS A 419 -12.61 -2.93 0.49
CA CYS A 419 -11.77 -2.95 1.68
C CYS A 419 -11.20 -1.56 1.98
N VAL A 420 -10.90 -0.78 0.94
CA VAL A 420 -10.30 0.54 1.11
C VAL A 420 -11.38 1.54 1.54
N VAL A 421 -11.26 2.07 2.75
CA VAL A 421 -12.17 2.97 3.47
C VAL A 421 -11.67 4.40 3.46
N MET A 422 -10.47 4.65 2.93
CA MET A 422 -9.82 5.94 3.14
C MET A 422 -8.52 5.94 2.36
N TRP A 423 -8.00 7.14 2.11
CA TRP A 423 -6.68 7.31 1.52
C TRP A 423 -5.85 8.22 2.42
N SER A 424 -4.53 7.99 2.39
CA SER A 424 -3.58 8.87 3.06
C SER A 424 -2.54 9.28 2.02
N ILE A 425 -2.36 10.58 1.84
CA ILE A 425 -1.53 11.06 0.74
C ILE A 425 -0.06 11.03 1.10
N ALA A 426 0.29 11.23 2.37
CA ALA A 426 1.69 11.17 2.79
C ALA A 426 1.78 10.77 4.25
N ASN A 427 2.90 10.15 4.61
CA ASN A 427 3.21 9.78 5.97
C ASN A 427 4.20 10.78 6.55
N GLU A 428 3.87 11.30 7.74
CA GLU A 428 4.72 12.21 8.51
C GLU A 428 5.44 13.23 7.62
N PRO A 429 4.70 14.09 6.94
CA PRO A 429 5.29 15.21 6.22
C PRO A 429 5.38 16.43 7.13
N ASP A 430 6.13 17.43 6.65
CA ASP A 430 6.25 18.67 7.42
C ASP A 430 4.92 19.43 7.39
N SER A 431 3.88 18.84 7.95
CA SER A 431 2.52 19.34 7.81
C SER A 431 2.34 20.76 8.36
N ALA A 432 3.23 21.19 9.25
CA ALA A 432 3.09 22.47 9.94
C ALA A 432 4.19 23.46 9.53
N ALA A 433 4.62 23.37 8.28
CA ALA A 433 5.66 24.24 7.76
C ALA A 433 5.10 25.10 6.63
N GLU A 434 5.74 26.26 6.42
CA GLU A 434 5.38 27.12 5.31
C GLU A 434 5.38 26.33 4.01
N GLY A 435 4.40 26.61 3.15
CA GLY A 435 4.23 25.87 1.92
C GLY A 435 3.59 24.51 2.08
N ALA A 436 3.18 24.13 3.28
CA ALA A 436 2.52 22.84 3.47
C ALA A 436 1.17 22.80 2.76
N TYR A 437 0.28 23.75 3.08
CA TYR A 437 -1.01 23.83 2.43
C TYR A 437 -0.86 23.91 0.92
N ASP A 438 -0.12 24.91 0.45
CA ASP A 438 0.05 25.12 -0.98
C ASP A 438 0.60 23.90 -1.70
N TYR A 439 1.13 22.91 -0.97
CA TYR A 439 1.64 21.68 -1.55
C TYR A 439 0.63 20.55 -1.55
N PHE A 440 -0.21 20.46 -0.53
CA PHE A 440 -1.05 19.29 -0.34
C PHE A 440 -2.45 19.45 -0.92
N LYS A 441 -3.09 20.62 -0.72
CA LYS A 441 -4.43 20.83 -1.26
C LYS A 441 -4.55 20.44 -2.72
N PRO A 442 -3.61 20.79 -3.61
CA PRO A 442 -3.69 20.29 -4.99
C PRO A 442 -3.80 18.78 -5.06
N LEU A 443 -3.10 18.06 -4.18
CA LEU A 443 -3.17 16.61 -4.17
C LEU A 443 -4.46 16.11 -3.52
N TYR A 444 -4.89 16.76 -2.44
CA TYR A 444 -6.19 16.44 -1.85
C TYR A 444 -7.30 16.57 -2.88
N ASP A 445 -7.35 17.72 -3.56
CA ASP A 445 -8.36 17.93 -4.60
C ASP A 445 -8.31 16.82 -5.63
N LEU A 446 -7.15 16.61 -6.25
CA LEU A 446 -7.00 15.52 -7.21
C LEU A 446 -7.41 14.18 -6.60
N ALA A 447 -7.24 14.03 -5.29
CA ALA A 447 -7.60 12.78 -4.62
C ALA A 447 -9.11 12.61 -4.57
N ARG A 448 -9.79 13.50 -3.84
CA ARG A 448 -11.24 13.38 -3.68
C ARG A 448 -12.01 13.69 -4.95
N GLU A 449 -11.34 14.05 -6.05
CA GLU A 449 -12.00 14.23 -7.33
C GLU A 449 -11.93 13.00 -8.22
N LEU A 450 -10.83 12.24 -8.15
CA LEU A 450 -10.73 11.01 -8.92
C LEU A 450 -11.33 9.80 -8.22
N ASP A 451 -11.51 9.89 -6.90
CA ASP A 451 -12.17 8.76 -6.19
C ASP A 451 -13.61 8.65 -6.68
N PRO A 452 -13.95 7.61 -7.46
CA PRO A 452 -15.33 7.41 -7.92
C PRO A 452 -16.30 7.16 -6.78
N GLN A 453 -15.82 7.03 -5.55
CA GLN A 453 -16.67 6.88 -4.38
C GLN A 453 -16.51 8.02 -3.38
N LYS A 454 -15.64 8.99 -3.66
CA LYS A 454 -15.42 10.13 -2.76
C LYS A 454 -15.18 9.64 -1.33
N ARG A 455 -14.23 8.73 -1.20
CA ARG A 455 -13.90 8.19 0.14
C ARG A 455 -13.09 9.24 0.89
N PRO A 456 -13.06 9.20 2.24
CA PRO A 456 -12.30 10.16 3.03
C PRO A 456 -10.83 10.16 2.64
N CYS A 457 -10.19 11.30 2.87
CA CYS A 457 -8.76 11.43 2.66
C CYS A 457 -8.12 12.03 3.90
N THR A 458 -6.86 11.63 4.14
CA THR A 458 -6.17 12.04 5.35
C THR A 458 -4.66 11.98 5.11
N LEU A 459 -3.92 12.46 6.11
CA LEU A 459 -2.47 12.32 6.16
C LEU A 459 -2.08 12.16 7.62
N VAL A 460 -1.19 11.22 7.88
CA VAL A 460 -0.76 10.92 9.24
C VAL A 460 0.36 11.87 9.60
N SER A 461 0.07 12.69 10.62
CA SER A 461 0.98 13.78 11.01
C SER A 461 2.07 13.32 11.96
N VAL A 462 3.23 13.95 11.91
CA VAL A 462 4.31 13.55 12.77
C VAL A 462 4.10 14.11 14.14
N GLN A 463 4.99 13.76 15.05
CA GLN A 463 4.90 14.26 16.39
C GLN A 463 5.38 15.68 16.40
N GLY A 464 4.65 16.54 17.07
CA GLY A 464 5.05 17.92 17.14
C GLY A 464 4.04 18.78 16.43
N THR A 465 2.96 18.16 16.01
CA THR A 465 1.93 18.91 15.34
C THR A 465 0.82 19.19 16.30
N THR A 466 0.17 20.31 16.10
CA THR A 466 -0.95 20.72 16.94
C THR A 466 -2.18 20.90 16.07
N ALA A 467 -3.36 20.85 16.70
CA ALA A 467 -4.59 21.15 15.97
C ALA A 467 -4.47 22.47 15.24
N ASP A 468 -4.08 23.54 15.96
CA ASP A 468 -3.92 24.86 15.37
C ASP A 468 -2.71 24.97 14.46
N THR A 469 -1.98 23.88 14.23
CA THR A 469 -0.72 23.94 13.50
C THR A 469 -0.69 23.09 12.23
N ASP A 470 -1.51 22.04 12.16
CA ASP A 470 -1.40 21.04 11.10
C ASP A 470 -2.34 21.40 9.96
N CYS A 471 -1.78 21.50 8.75
CA CYS A 471 -2.61 21.75 7.57
C CYS A 471 -3.61 20.63 7.33
N SER A 472 -3.40 19.46 7.95
CA SER A 472 -4.36 18.37 7.87
C SER A 472 -5.63 18.63 8.68
N SER A 473 -5.57 19.57 9.64
CA SER A 473 -6.78 19.91 10.38
C SER A 473 -7.89 20.41 9.48
N GLN A 474 -7.55 20.95 8.31
CA GLN A 474 -8.54 21.43 7.35
C GLN A 474 -8.64 20.59 6.10
N LEU A 475 -7.53 20.02 5.63
CA LEU A 475 -7.53 19.26 4.39
C LEU A 475 -8.06 17.84 4.55
N SER A 476 -8.01 17.29 5.75
CA SER A 476 -8.34 15.89 5.98
C SER A 476 -9.71 15.74 6.60
N ASP A 477 -10.35 14.60 6.31
CA ASP A 477 -11.61 14.28 6.94
C ASP A 477 -11.41 13.58 8.28
N VAL A 478 -10.35 12.79 8.40
CA VAL A 478 -10.01 12.08 9.63
C VAL A 478 -8.62 12.53 10.08
N ILE A 479 -8.49 12.80 11.38
CA ILE A 479 -7.23 13.17 11.99
C ILE A 479 -6.54 11.89 12.48
N CYS A 480 -5.41 11.54 11.87
CA CYS A 480 -4.69 10.33 12.23
C CYS A 480 -3.28 10.71 12.67
N LEU A 481 -3.00 10.40 13.95
CA LEU A 481 -1.75 10.82 14.58
C LEU A 481 -0.74 9.69 14.64
N ASN A 482 0.54 10.08 14.57
CA ASN A 482 1.65 9.20 14.85
C ASN A 482 2.36 9.69 16.11
N ARG A 483 1.71 9.49 17.25
CA ARG A 483 2.26 9.92 18.52
C ARG A 483 2.87 8.75 19.28
N TYR A 484 3.89 9.05 20.07
CA TYR A 484 4.65 7.99 20.77
C TYR A 484 4.98 8.48 22.18
N TYR A 485 3.96 8.75 22.98
CA TYR A 485 4.18 9.24 24.35
C TYR A 485 4.47 8.05 25.24
N GLY A 486 5.74 7.80 25.53
CA GLY A 486 6.14 6.66 26.35
C GLY A 486 7.44 6.10 25.84
N TRP A 487 7.78 6.42 24.60
CA TRP A 487 9.09 6.01 24.03
C TRP A 487 9.88 7.28 23.78
N TYR A 488 9.79 7.81 22.58
CA TYR A 488 10.53 9.05 22.24
C TYR A 488 10.16 10.12 23.25
N PHE A 489 8.88 10.25 23.59
CA PHE A 489 8.46 11.25 24.55
C PHE A 489 8.20 10.59 25.90
N GLY A 490 8.93 11.06 26.92
CA GLY A 490 8.62 10.69 28.29
C GLY A 490 9.20 9.38 28.76
N GLY A 491 9.41 8.43 27.85
CA GLY A 491 9.94 7.14 28.20
C GLY A 491 11.23 7.25 29.00
N PRO A 492 11.33 6.52 30.12
CA PRO A 492 10.39 5.52 30.62
C PRO A 492 9.33 6.05 31.57
N ASP A 493 9.26 7.36 31.77
CA ASP A 493 8.29 7.93 32.71
C ASP A 493 6.89 7.85 32.13
N LEU A 494 6.21 6.71 32.30
CA LEU A 494 4.90 6.51 31.70
C LEU A 494 3.83 7.42 32.29
N GLU A 495 4.09 8.05 33.43
CA GLU A 495 3.08 8.95 34.00
C GLU A 495 3.10 10.30 33.33
N VAL A 496 4.24 10.99 33.34
CA VAL A 496 4.36 12.27 32.63
C VAL A 496 4.00 12.10 31.17
N SER A 497 4.39 10.97 30.57
CA SER A 497 4.00 10.67 29.21
C SER A 497 2.48 10.58 29.08
N GLU A 498 1.82 10.08 30.12
CA GLU A 498 0.37 9.96 30.09
C GLU A 498 -0.30 11.33 30.02
N THR A 499 -0.01 12.20 30.99
CA THR A 499 -0.57 13.55 30.97
C THR A 499 -0.24 14.25 29.66
N GLY A 500 0.96 13.98 29.11
CA GLY A 500 1.31 14.56 27.83
C GLY A 500 0.32 14.21 26.73
N LEU A 501 0.09 12.90 26.53
CA LEU A 501 -0.86 12.46 25.52
C LEU A 501 -2.26 12.98 25.81
N ARG A 502 -2.66 12.95 27.08
CA ARG A 502 -3.96 13.48 27.44
C ARG A 502 -4.09 14.94 27.04
N LYS A 503 -3.02 15.72 27.22
CA LYS A 503 -3.04 17.13 26.87
C LYS A 503 -3.22 17.30 25.36
N GLU A 504 -2.33 16.70 24.57
CA GLU A 504 -2.44 16.84 23.12
C GLU A 504 -3.73 16.22 22.60
N LEU A 505 -4.16 15.11 23.18
CA LEU A 505 -5.35 14.42 22.68
C LEU A 505 -6.58 15.32 22.82
N SER A 506 -6.81 15.87 24.02
CA SER A 506 -7.99 16.71 24.21
C SER A 506 -7.97 17.91 23.27
N ASP A 507 -6.80 18.54 23.09
CA ASP A 507 -6.71 19.66 22.17
C ASP A 507 -7.24 19.28 20.78
N TRP A 508 -6.99 18.04 20.36
CA TRP A 508 -7.48 17.60 19.07
C TRP A 508 -9.00 17.48 19.05
N GLY A 509 -9.65 17.38 20.22
CA GLY A 509 -11.09 17.34 20.25
C GLY A 509 -11.74 18.62 19.75
N LYS A 510 -11.05 19.75 19.91
CA LYS A 510 -11.59 21.03 19.48
C LYS A 510 -11.97 21.04 18.00
N LEU A 511 -11.36 20.18 17.20
CA LEU A 511 -11.67 20.15 15.77
C LEU A 511 -13.03 19.54 15.46
N GLY A 512 -13.63 18.84 16.41
CA GLY A 512 -14.92 18.22 16.13
C GLY A 512 -14.89 17.28 14.95
N LYS A 513 -13.79 16.54 14.79
CA LYS A 513 -13.73 15.53 13.73
C LYS A 513 -13.00 14.30 14.23
N PRO A 514 -13.05 13.19 13.49
CA PRO A 514 -12.54 11.92 14.02
C PRO A 514 -11.02 11.90 14.05
N VAL A 515 -10.47 11.55 15.21
CA VAL A 515 -9.03 11.35 15.38
C VAL A 515 -8.77 9.89 15.73
N MET A 516 -7.83 9.30 15.01
CA MET A 516 -7.46 7.90 15.22
C MET A 516 -5.94 7.80 15.19
N PHE A 517 -5.38 7.07 16.16
CA PHE A 517 -3.93 6.88 16.22
C PHE A 517 -3.51 5.80 15.22
N THR A 518 -2.73 6.20 14.21
CA THR A 518 -2.27 5.19 13.27
C THR A 518 -0.87 4.67 13.60
N GLU A 519 -0.30 5.09 14.72
CA GLU A 519 1.04 4.65 15.09
C GLU A 519 1.30 4.97 16.56
N TYR A 520 1.40 3.93 17.39
CA TYR A 520 2.00 4.02 18.71
C TYR A 520 2.65 2.69 19.03
N GLY A 521 3.82 2.74 19.63
CA GLY A 521 4.61 1.53 19.83
C GLY A 521 5.88 1.83 20.59
N ALA A 522 6.68 0.79 20.78
CA ALA A 522 7.90 0.87 21.56
C ALA A 522 8.78 -0.33 21.24
N ASP A 523 10.02 -0.06 20.83
CA ASP A 523 10.96 -1.13 20.52
C ASP A 523 11.14 -2.06 21.72
N THR A 524 10.99 -3.36 21.49
CA THR A 524 11.22 -4.37 22.51
C THR A 524 11.80 -5.62 21.87
N VAL A 525 12.84 -6.17 22.48
CA VAL A 525 13.52 -7.37 21.99
C VAL A 525 12.82 -8.59 22.58
N SER A 526 12.17 -9.38 21.72
CA SER A 526 11.50 -10.58 22.22
C SER A 526 12.49 -11.46 22.96
N GLY A 527 12.10 -11.87 24.18
CA GLY A 527 12.93 -12.67 25.05
C GLY A 527 13.46 -11.94 26.26
N LEU A 528 13.58 -10.61 26.16
CA LEU A 528 14.03 -9.78 27.28
C LEU A 528 12.86 -9.52 28.22
N HIS A 529 12.97 -10.05 29.44
CA HIS A 529 11.91 -9.97 30.44
C HIS A 529 12.46 -9.33 31.72
N ASP A 530 11.54 -8.81 32.53
CA ASP A 530 11.89 -8.20 33.80
C ASP A 530 10.63 -7.95 34.60
N THR A 531 10.68 -8.23 35.91
CA THR A 531 9.52 -8.00 36.76
C THR A 531 9.21 -6.52 36.90
N THR A 532 10.23 -5.69 37.14
CA THR A 532 10.12 -4.24 37.05
C THR A 532 10.69 -3.84 35.70
N SER A 533 9.80 -3.56 34.75
CA SER A 533 10.19 -3.45 33.36
C SER A 533 11.10 -2.24 33.14
N VAL A 534 11.88 -2.34 32.05
CA VAL A 534 12.69 -1.25 31.53
C VAL A 534 12.56 -1.27 30.01
N MET A 535 12.98 -0.19 29.37
CA MET A 535 12.79 -0.06 27.94
C MET A 535 13.45 -1.23 27.21
N TYR A 536 12.73 -1.75 26.21
CA TYR A 536 13.12 -2.84 25.31
C TYR A 536 12.69 -4.21 25.82
N THR A 537 12.16 -4.30 27.03
CA THR A 537 11.62 -5.55 27.55
C THR A 537 10.19 -5.75 27.06
N GLU A 538 9.78 -7.02 27.03
CA GLU A 538 8.38 -7.32 26.68
C GLU A 538 7.43 -6.68 27.68
N GLU A 539 7.80 -6.67 28.95
CA GLU A 539 6.94 -6.11 29.98
C GLU A 539 6.69 -4.63 29.73
N TYR A 540 7.74 -3.86 29.44
CA TYR A 540 7.56 -2.43 29.18
C TYR A 540 6.60 -2.20 28.03
N GLN A 541 6.80 -2.92 26.92
CA GLN A 541 5.94 -2.75 25.75
C GLN A 541 4.47 -2.88 26.13
N VAL A 542 4.15 -3.82 27.03
CA VAL A 542 2.76 -4.00 27.44
C VAL A 542 2.30 -2.81 28.28
N GLU A 543 3.15 -2.35 29.22
CA GLU A 543 2.78 -1.21 30.05
C GLU A 543 2.59 0.05 29.18
N TYR A 544 3.44 0.22 28.17
CA TYR A 544 3.29 1.34 27.25
C TYR A 544 1.91 1.32 26.60
N TYR A 545 1.54 0.20 25.98
CA TYR A 545 0.24 0.11 25.32
C TYR A 545 -0.90 0.19 26.32
N GLU A 546 -0.71 -0.39 27.51
CA GLU A 546 -1.72 -0.25 28.56
C GLU A 546 -2.02 1.22 28.82
N MET A 547 -0.99 2.04 29.00
CA MET A 547 -1.17 3.45 29.35
C MET A 547 -1.86 4.20 28.22
N ASN A 548 -1.27 4.20 27.02
CA ASN A 548 -1.85 4.91 25.89
C ASN A 548 -3.31 4.52 25.69
N ASN A 549 -3.58 3.21 25.67
CA ASN A 549 -4.95 2.74 25.46
C ASN A 549 -5.89 3.30 26.53
N LYS A 550 -5.43 3.35 27.78
CA LYS A 550 -6.25 3.88 28.86
C LYS A 550 -6.76 5.29 28.51
N VAL A 551 -5.91 6.09 27.89
CA VAL A 551 -6.32 7.45 27.52
C VAL A 551 -7.23 7.42 26.30
N PHE A 552 -6.84 6.65 25.27
CA PHE A 552 -7.65 6.52 24.06
C PHE A 552 -9.11 6.29 24.42
N ASP A 553 -9.34 5.44 25.42
CA ASP A 553 -10.68 5.07 25.85
C ASP A 553 -11.42 6.17 26.59
N GLU A 554 -10.79 7.33 26.83
CA GLU A 554 -11.42 8.42 27.55
C GLU A 554 -12.15 9.40 26.63
N PHE A 555 -11.96 9.28 25.31
CA PHE A 555 -12.41 10.29 24.36
C PHE A 555 -13.27 9.62 23.31
N ASP A 556 -14.57 9.92 23.32
CA ASP A 556 -15.51 9.33 22.39
C ASP A 556 -15.25 9.72 20.94
N PHE A 557 -14.33 10.65 20.69
CA PHE A 557 -14.00 11.05 19.32
C PHE A 557 -12.76 10.34 18.78
N VAL A 558 -12.15 9.43 19.54
CA VAL A 558 -11.06 8.62 19.05
C VAL A 558 -11.65 7.39 18.37
N VAL A 559 -11.34 7.20 17.09
CA VAL A 559 -12.14 6.25 16.33
C VAL A 559 -11.32 5.08 15.84
N GLY A 560 -10.30 4.73 16.61
CA GLY A 560 -9.53 3.55 16.28
C GLY A 560 -8.06 3.62 16.61
N GLU A 561 -7.52 2.49 17.08
CA GLU A 561 -6.13 2.37 17.48
C GLU A 561 -5.43 1.41 16.54
N GLN A 562 -4.29 1.84 15.99
CA GLN A 562 -3.44 1.00 15.16
C GLN A 562 -2.02 1.08 15.73
N ALA A 563 -1.50 -0.06 16.17
CA ALA A 563 -0.18 -0.10 16.75
C ALA A 563 0.89 -0.13 15.66
N TRP A 564 2.04 0.45 15.97
CA TRP A 564 3.24 0.35 15.15
C TRP A 564 4.26 -0.47 15.90
N ASN A 565 4.67 -1.61 15.33
CA ASN A 565 4.21 -2.08 14.03
C ASN A 565 3.57 -3.46 14.20
N PHE A 566 3.07 -4.04 13.10
CA PHE A 566 2.56 -5.41 13.15
C PHE A 566 3.68 -6.41 13.45
N ALA A 567 4.84 -6.23 12.82
CA ALA A 567 5.95 -7.16 12.99
C ALA A 567 7.27 -6.43 12.80
N ASP A 568 8.30 -6.91 13.49
CA ASP A 568 9.63 -6.34 13.34
C ASP A 568 10.05 -6.38 11.87
N PHE A 569 10.66 -5.28 11.41
CA PHE A 569 11.05 -5.17 10.01
C PHE A 569 12.46 -4.60 9.92
N ALA A 570 13.06 -4.75 8.74
CA ALA A 570 14.43 -4.35 8.50
C ALA A 570 14.51 -2.86 8.17
N THR A 571 15.46 -2.19 8.80
CA THR A 571 15.79 -0.80 8.52
C THR A 571 17.25 -0.72 8.07
N SER A 572 17.77 0.49 7.98
CA SER A 572 19.20 0.65 7.78
C SER A 572 19.89 0.88 9.12
N GLN A 573 21.16 0.49 9.17
CA GLN A 573 21.87 0.41 10.44
C GLN A 573 22.07 1.79 11.05
N SER A 574 22.02 1.84 12.37
CA SER A 574 22.28 3.06 13.13
C SER A 574 22.14 2.73 14.61
N LEU A 575 22.74 3.58 15.45
CA LEU A 575 22.77 3.33 16.88
C LEU A 575 21.38 3.09 17.46
N LEU A 576 20.35 3.66 16.84
CA LEU A 576 18.99 3.63 17.39
C LEU A 576 18.15 2.47 16.84
N ARG A 577 18.79 1.48 16.22
CA ARG A 577 18.06 0.35 15.67
C ARG A 577 18.80 -0.93 16.00
N VAL A 578 18.11 -1.77 16.77
CA VAL A 578 18.71 -3.00 17.31
C VAL A 578 18.41 -4.10 16.29
N GLN A 579 19.25 -4.17 15.26
CA GLN A 579 19.09 -5.13 14.17
C GLN A 579 17.73 -4.95 13.50
N GLY A 580 17.51 -3.74 13.00
CA GLY A 580 16.24 -3.35 12.41
C GLY A 580 15.30 -2.73 13.41
N ASN A 581 14.04 -2.62 12.99
CA ASN A 581 12.98 -2.11 13.85
C ASN A 581 12.39 -3.26 14.67
N LYS A 582 12.21 -3.03 15.97
CA LYS A 582 11.70 -4.04 16.88
C LYS A 582 10.47 -3.56 17.63
N LYS A 583 9.76 -2.59 17.06
CA LYS A 583 8.53 -2.10 17.66
C LYS A 583 7.33 -3.00 17.38
N GLY A 584 7.49 -4.05 16.58
CA GLY A 584 6.37 -4.87 16.20
C GLY A 584 5.78 -5.63 17.39
N LEU A 585 4.48 -5.95 17.25
CA LEU A 585 3.85 -6.84 18.21
C LEU A 585 4.31 -8.28 18.02
N PHE A 586 4.69 -8.64 16.80
CA PHE A 586 5.26 -9.94 16.48
C PHE A 586 6.67 -9.76 15.96
N THR A 587 7.41 -10.87 15.91
CA THR A 587 8.75 -10.86 15.37
C THR A 587 8.69 -10.83 13.84
N ARG A 588 9.86 -10.82 13.19
CA ARG A 588 9.87 -10.84 11.74
C ARG A 588 9.40 -12.18 11.19
N ASP A 589 9.56 -13.24 11.96
CA ASP A 589 9.06 -14.57 11.61
C ASP A 589 7.63 -14.80 12.10
N ARG A 590 6.93 -13.74 12.51
CA ARG A 590 5.52 -13.83 12.85
C ARG A 590 5.31 -14.49 14.22
N LYS A 591 6.27 -14.32 15.12
CA LYS A 591 6.06 -14.93 16.43
C LYS A 591 5.58 -13.91 17.44
N PRO A 592 4.60 -14.26 18.28
CA PRO A 592 3.95 -13.27 19.15
C PRO A 592 4.82 -12.89 20.34
N LYS A 593 5.07 -11.59 20.48
CA LYS A 593 5.56 -11.08 21.76
C LYS A 593 4.41 -11.01 22.75
N MET A 594 4.73 -10.81 24.03
CA MET A 594 3.71 -10.82 25.06
C MET A 594 2.60 -9.83 24.75
N VAL A 595 2.95 -8.66 24.20
CA VAL A 595 1.94 -7.64 23.95
C VAL A 595 0.93 -8.11 22.90
N ALA A 596 1.36 -8.99 21.99
CA ALA A 596 0.41 -9.54 21.02
C ALA A 596 -0.76 -10.22 21.72
N HIS A 597 -0.53 -10.79 22.90
CA HIS A 597 -1.62 -11.41 23.65
C HIS A 597 -2.44 -10.35 24.39
N TYR A 598 -1.78 -9.34 24.95
CA TYR A 598 -2.51 -8.23 25.57
C TYR A 598 -3.54 -7.66 24.59
N PHE A 599 -3.10 -7.39 23.36
CA PHE A 599 -4.02 -6.80 22.39
C PHE A 599 -5.12 -7.78 22.00
N ARG A 600 -4.75 -9.03 21.72
CA ARG A 600 -5.77 -10.04 21.42
C ARG A 600 -6.84 -10.08 22.50
N ASN A 601 -6.45 -9.85 23.76
CA ASN A 601 -7.42 -9.82 24.85
C ASN A 601 -8.25 -8.54 24.83
N ARG A 602 -7.58 -7.40 24.69
CA ARG A 602 -8.29 -6.12 24.71
C ARG A 602 -9.26 -6.02 23.54
N TRP A 603 -8.74 -6.10 22.31
CA TRP A 603 -9.61 -6.10 21.15
C TRP A 603 -10.66 -7.19 21.24
N SER A 604 -10.33 -8.30 21.91
CA SER A 604 -11.32 -9.33 22.21
C SER A 604 -12.58 -8.71 22.81
N ALA A 605 -12.40 -7.68 23.62
CA ALA A 605 -13.49 -7.01 24.32
C ALA A 605 -13.83 -5.66 23.69
N ILE A 606 -13.75 -5.56 22.36
CA ILE A 606 -14.05 -4.31 21.68
C ILE A 606 -14.75 -4.63 20.36
N PRO A 607 -15.97 -4.14 20.15
CA PRO A 607 -16.67 -4.46 18.90
C PRO A 607 -16.16 -3.62 17.75
N GLU A 608 -16.38 -4.13 16.53
CA GLU A 608 -16.13 -3.34 15.34
C GLU A 608 -17.04 -2.13 15.26
N PHE A 609 -18.25 -2.24 15.81
CA PHE A 609 -19.23 -1.16 15.79
C PHE A 609 -19.78 -0.92 17.18
N GLY A 610 -20.22 0.32 17.42
CA GLY A 610 -20.93 0.67 18.63
C GLY A 610 -20.08 0.91 19.84
N TYR A 611 -18.77 1.14 19.67
CA TYR A 611 -17.86 1.33 20.80
C TYR A 611 -18.21 2.59 21.58
N LYS A 612 -19.31 3.24 21.19
CA LYS A 612 -19.81 4.38 21.92
C LYS A 612 -21.21 4.77 21.43
#